data_4UE1
#
_entry.id   4UE1
#
_cell.length_a   46.104
_cell.length_b   69.462
_cell.length_c   78.562
_cell.angle_alpha   90.00
_cell.angle_beta   101.96
_cell.angle_gamma   90.00
#
_symmetry.space_group_name_H-M   'P 1 21 1'
#
loop_
_entity.id
_entity.type
_entity.pdbx_description
1 polymer 'E3 UBIQUITIN-PROTEIN LIGASE MDM2'
2 polymer YS-01
3 water water
#
loop_
_entity_poly.entity_id
_entity_poly.type
_entity_poly.pdbx_seq_one_letter_code
_entity_poly.pdbx_strand_id
1 'polypeptide(L)'
;GPLGSSQIPASEQETLVRPKPLLLKLLKSVGAQKDTYTMKEVLFYLGQYIMTKRLYDAAQQHIVYCSNDLLGDLFGVPSF
SVKEHRKIYTMIYRNLVVVNQQESSDSGTSVSEN
;
A,B,C,D
2 'polypeptide(L)' (ACE)TSF(2JN)EYW(2JN)LLPENF(NH2) F,G,H,I
#
loop_
_chem_comp.id
_chem_comp.type
_chem_comp.name
_chem_comp.formula
ACE non-polymer 'ACETYL GROUP' 'C2 H4 O'
NH2 non-polymer 'AMINO GROUP' 'H2 N'
#
# COMPACT_ATOMS: atom_id res chain seq x y z
N GLY A 1 16.83 -0.30 -3.29
CA GLY A 1 16.14 1.02 -3.38
C GLY A 1 15.23 1.26 -2.20
N PRO A 2 14.78 2.51 -2.03
CA PRO A 2 13.90 2.87 -0.92
C PRO A 2 12.61 2.04 -0.89
N LEU A 3 12.11 1.73 0.31
CA LEU A 3 10.79 1.08 0.45
C LEU A 3 9.62 2.01 0.20
N GLY A 4 9.84 3.33 0.31
CA GLY A 4 8.76 4.30 0.22
C GLY A 4 7.76 4.21 1.36
N SER A 5 6.56 4.75 1.11
N SER A 5 6.56 4.75 1.11
CA SER A 5 5.55 4.90 2.15
CA SER A 5 5.53 4.88 2.14
C SER A 5 4.94 3.56 2.62
C SER A 5 4.96 3.56 2.63
N SER A 6 5.21 2.48 1.88
CA SER A 6 4.82 1.12 2.33
C SER A 6 5.41 0.72 3.68
N GLN A 7 6.52 1.34 4.06
CA GLN A 7 7.14 1.03 5.35
C GLN A 7 6.49 1.69 6.57
N ILE A 8 5.61 2.65 6.35
CA ILE A 8 4.86 3.26 7.46
C ILE A 8 3.89 2.22 8.02
N PRO A 9 3.81 2.10 9.37
CA PRO A 9 2.83 1.12 9.89
C PRO A 9 1.46 1.33 9.26
N ALA A 10 0.83 0.22 8.83
CA ALA A 10 -0.42 0.30 8.07
C ALA A 10 -1.47 1.14 8.80
N SER A 11 -1.56 0.98 10.12
CA SER A 11 -2.58 1.64 10.92
C SER A 11 -2.40 3.16 11.03
N GLU A 12 -1.25 3.68 10.60
CA GLU A 12 -0.94 5.11 10.61
C GLU A 12 -1.00 5.76 9.22
N GLN A 13 -1.23 4.97 8.19
CA GLN A 13 -1.34 5.49 6.82
C GLN A 13 -2.73 6.04 6.55
N GLU A 14 -2.80 7.27 6.03
CA GLU A 14 -4.06 7.81 5.52
C GLU A 14 -3.92 7.83 4.00
N THR A 15 -4.80 7.15 3.27
CA THR A 15 -4.72 7.18 1.82
C THR A 15 -5.72 8.22 1.31
N LEU A 16 -5.21 9.19 0.58
N LEU A 16 -5.17 9.26 0.65
CA LEU A 16 -6.07 10.18 0.02
CA LEU A 16 -5.92 10.39 0.09
C LEU A 16 -5.91 10.20 -1.47
C LEU A 16 -5.73 10.53 -1.43
N VAL A 17 -6.78 10.97 -2.10
CA VAL A 17 -6.70 11.25 -3.53
C VAL A 17 -6.84 12.74 -3.76
N ARG A 18 -6.38 13.18 -4.94
CA ARG A 18 -6.40 14.58 -5.32
C ARG A 18 -7.25 14.78 -6.59
N PRO A 19 -8.50 15.26 -6.44
CA PRO A 19 -9.30 15.47 -7.66
C PRO A 19 -8.64 16.44 -8.63
N LYS A 20 -8.79 16.18 -9.93
CA LYS A 20 -8.41 17.14 -10.97
C LYS A 20 -9.27 18.40 -10.84
N PRO A 21 -8.86 19.49 -11.50
CA PRO A 21 -9.54 20.76 -11.19
C PRO A 21 -11.06 20.82 -11.48
N LEU A 22 -11.54 20.18 -12.54
CA LEU A 22 -12.99 20.25 -12.81
C LEU A 22 -13.82 19.41 -11.83
N LEU A 23 -13.32 18.22 -11.47
CA LEU A 23 -13.97 17.43 -10.43
C LEU A 23 -13.93 18.20 -9.11
N LEU A 24 -12.80 18.86 -8.81
CA LEU A 24 -12.71 19.61 -7.56
C LEU A 24 -13.75 20.72 -7.53
N LYS A 25 -13.93 21.41 -8.66
CA LYS A 25 -14.94 22.46 -8.76
C LYS A 25 -16.34 21.90 -8.45
N LEU A 26 -16.62 20.71 -8.97
CA LEU A 26 -17.88 20.04 -8.71
C LEU A 26 -18.12 19.79 -7.19
N LEU A 27 -17.09 19.26 -6.53
CA LEU A 27 -17.18 18.92 -5.12
C LEU A 27 -17.30 20.21 -4.28
N LYS A 28 -16.52 21.23 -4.64
CA LYS A 28 -16.63 22.51 -3.91
C LYS A 28 -17.98 23.19 -4.09
N SER A 29 -18.69 22.89 -5.18
CA SER A 29 -19.98 23.53 -5.44
C SER A 29 -21.07 23.13 -4.43
N VAL A 30 -20.86 22.01 -3.76
CA VAL A 30 -21.79 21.58 -2.70
C VAL A 30 -21.13 21.59 -1.33
N GLY A 31 -20.04 22.33 -1.23
CA GLY A 31 -19.50 22.70 0.07
C GLY A 31 -18.18 22.08 0.48
N ALA A 32 -17.56 21.28 -0.37
CA ALA A 32 -16.25 20.71 -0.03
C ALA A 32 -15.21 21.82 0.13
N GLN A 33 -14.29 21.65 1.07
CA GLN A 33 -13.36 22.70 1.48
C GLN A 33 -11.89 22.43 1.21
N LYS A 34 -11.56 21.21 0.78
CA LYS A 34 -10.18 20.72 0.77
C LYS A 34 -9.69 20.44 -0.64
N ASP A 35 -8.40 20.15 -0.78
CA ASP A 35 -7.84 19.79 -2.09
C ASP A 35 -7.61 18.30 -2.19
N THR A 36 -7.61 17.61 -1.04
CA THR A 36 -7.42 16.17 -1.00
C THR A 36 -8.45 15.52 -0.08
N TYR A 37 -8.85 14.30 -0.45
CA TYR A 37 -10.01 13.63 0.13
C TYR A 37 -9.74 12.15 0.18
N THR A 38 -10.39 11.47 1.14
CA THR A 38 -10.50 10.02 1.01
C THR A 38 -11.48 9.70 -0.13
N MET A 39 -11.36 8.50 -0.71
CA MET A 39 -12.36 8.09 -1.71
C MET A 39 -13.77 8.12 -1.12
N LYS A 40 -13.94 7.72 0.14
N LYS A 40 -13.90 7.74 0.15
CA LYS A 40 -15.28 7.78 0.73
CA LYS A 40 -15.18 7.80 0.89
C LYS A 40 -15.82 9.22 0.78
C LYS A 40 -15.80 9.20 0.80
N GLU A 41 -14.99 10.20 1.13
CA GLU A 41 -15.41 11.59 1.11
C GLU A 41 -15.77 12.05 -0.32
N VAL A 42 -14.96 11.68 -1.31
CA VAL A 42 -15.36 12.00 -2.70
C VAL A 42 -16.73 11.41 -3.01
N LEU A 43 -16.97 10.15 -2.64
CA LEU A 43 -18.25 9.51 -2.93
C LEU A 43 -19.42 10.17 -2.20
N PHE A 44 -19.21 10.57 -0.94
CA PHE A 44 -20.27 11.31 -0.22
C PHE A 44 -20.60 12.64 -0.92
N TYR A 45 -19.58 13.43 -1.26
CA TYR A 45 -19.84 14.72 -1.89
C TYR A 45 -20.43 14.53 -3.29
N LEU A 46 -20.01 13.51 -4.03
N LEU A 46 -20.02 13.49 -4.02
CA LEU A 46 -20.58 13.29 -5.35
CA LEU A 46 -20.63 13.22 -5.33
C LEU A 46 -22.07 12.85 -5.25
C LEU A 46 -22.10 12.94 -5.20
N GLY A 47 -22.42 12.09 -4.22
CA GLY A 47 -23.83 11.71 -3.98
C GLY A 47 -24.65 12.97 -3.69
N GLN A 48 -24.10 13.83 -2.85
CA GLN A 48 -24.74 15.08 -2.48
C GLN A 48 -24.91 15.97 -3.71
N TYR A 49 -23.88 16.03 -4.58
CA TYR A 49 -23.99 16.80 -5.82
C TYR A 49 -25.10 16.29 -6.70
N ILE A 50 -25.17 14.98 -6.89
CA ILE A 50 -26.21 14.40 -7.74
C ILE A 50 -27.61 14.72 -7.18
N MET A 51 -27.75 14.69 -5.86
N MET A 51 -27.74 14.67 -5.85
CA MET A 51 -29.05 15.04 -5.29
CA MET A 51 -29.01 15.05 -5.18
C MET A 51 -29.38 16.53 -5.44
C MET A 51 -29.37 16.52 -5.43
N THR A 52 -28.39 17.39 -5.20
CA THR A 52 -28.56 18.85 -5.35
C THR A 52 -28.99 19.24 -6.77
N LYS A 53 -28.36 18.60 -7.76
CA LYS A 53 -28.58 18.92 -9.18
C LYS A 53 -29.75 18.10 -9.76
N ARG A 54 -30.32 17.20 -8.94
CA ARG A 54 -31.43 16.32 -9.34
C ARG A 54 -31.07 15.57 -10.65
N LEU A 55 -29.86 15.01 -10.69
CA LEU A 55 -29.41 14.25 -11.86
C LEU A 55 -29.90 12.81 -11.85
N TYR A 56 -30.29 12.28 -10.70
CA TYR A 56 -30.89 10.95 -10.64
C TYR A 56 -32.25 11.01 -11.33
N ASP A 57 -32.65 9.88 -11.92
CA ASP A 57 -33.96 9.83 -12.53
C ASP A 57 -35.03 9.80 -11.45
N ALA A 58 -36.05 10.65 -11.59
CA ALA A 58 -37.07 10.74 -10.53
C ALA A 58 -37.85 9.45 -10.34
N ALA A 59 -38.02 8.69 -11.43
CA ALA A 59 -38.85 7.48 -11.40
C ALA A 59 -38.01 6.25 -11.03
N GLN A 60 -36.90 6.05 -11.73
CA GLN A 60 -36.01 4.89 -11.49
C GLN A 60 -34.73 5.47 -10.92
N GLN A 61 -34.66 5.55 -9.60
CA GLN A 61 -33.65 6.40 -8.96
C GLN A 61 -32.26 5.75 -8.92
N HIS A 62 -32.11 4.51 -9.43
CA HIS A 62 -30.76 3.97 -9.59
C HIS A 62 -30.09 4.47 -10.88
N ILE A 63 -30.81 5.23 -11.71
CA ILE A 63 -30.20 5.76 -12.93
C ILE A 63 -29.82 7.22 -12.74
N VAL A 64 -28.59 7.58 -13.13
CA VAL A 64 -28.15 8.97 -13.09
C VAL A 64 -28.05 9.43 -14.55
N TYR A 65 -28.75 10.51 -14.89
CA TYR A 65 -28.67 11.07 -16.25
C TYR A 65 -27.85 12.34 -16.18
N CYS A 66 -26.62 12.24 -16.63
CA CYS A 66 -25.65 13.32 -16.45
C CYS A 66 -25.26 13.98 -17.78
N SER A 67 -25.99 13.66 -18.84
N SER A 67 -25.94 13.62 -18.85
CA SER A 67 -25.62 14.06 -20.21
CA SER A 67 -25.61 14.08 -20.20
C SER A 67 -25.55 15.57 -20.43
C SER A 67 -25.43 15.60 -20.30
N ASN A 68 -26.32 16.33 -19.67
CA ASN A 68 -26.37 17.78 -19.75
C ASN A 68 -25.79 18.46 -18.51
N ASP A 69 -24.84 17.81 -17.86
CA ASP A 69 -24.20 18.36 -16.68
C ASP A 69 -22.69 18.17 -16.80
N LEU A 70 -21.93 19.00 -16.09
CA LEU A 70 -20.46 18.85 -16.05
C LEU A 70 -20.07 17.42 -15.66
N LEU A 71 -20.86 16.79 -14.77
CA LEU A 71 -20.53 15.43 -14.39
C LEU A 71 -20.45 14.50 -15.61
N GLY A 72 -21.40 14.64 -16.55
CA GLY A 72 -21.35 13.79 -17.77
C GLY A 72 -20.11 14.09 -18.62
N ASP A 73 -19.71 15.35 -18.70
CA ASP A 73 -18.48 15.68 -19.43
C ASP A 73 -17.24 15.03 -18.80
N LEU A 74 -17.21 14.98 -17.47
CA LEU A 74 -16.06 14.44 -16.75
C LEU A 74 -16.05 12.92 -16.77
N PHE A 75 -17.23 12.32 -16.69
CA PHE A 75 -17.32 10.86 -16.75
C PHE A 75 -17.29 10.32 -18.18
N GLY A 76 -17.71 11.17 -19.11
CA GLY A 76 -17.73 10.86 -20.55
C GLY A 76 -18.90 10.01 -21.00
N VAL A 77 -19.95 9.92 -20.17
CA VAL A 77 -21.11 9.11 -20.45
C VAL A 77 -22.38 9.95 -20.28
N PRO A 78 -23.47 9.57 -20.97
CA PRO A 78 -24.71 10.32 -20.80
C PRO A 78 -25.50 9.92 -19.56
N SER A 79 -25.28 8.69 -19.11
CA SER A 79 -26.04 8.13 -17.97
C SER A 79 -25.28 6.94 -17.47
N PHE A 80 -25.60 6.53 -16.26
CA PHE A 80 -25.05 5.29 -15.71
C PHE A 80 -25.97 4.81 -14.60
N SER A 81 -25.83 3.55 -14.25
CA SER A 81 -26.57 3.01 -13.14
C SER A 81 -25.73 3.03 -11.87
N VAL A 82 -26.35 3.38 -10.75
CA VAL A 82 -25.64 3.42 -9.47
C VAL A 82 -25.20 2.00 -9.08
N LYS A 83 -25.84 0.97 -9.65
CA LYS A 83 -25.43 -0.40 -9.34
C LYS A 83 -24.09 -0.78 -10.01
N GLU A 84 -23.61 0.07 -10.94
CA GLU A 84 -22.37 -0.23 -11.65
C GLU A 84 -21.16 0.30 -10.83
N HIS A 85 -20.92 -0.35 -9.70
CA HIS A 85 -19.99 0.21 -8.72
C HIS A 85 -18.58 0.37 -9.29
N ARG A 86 -18.08 -0.68 -9.93
CA ARG A 86 -16.69 -0.66 -10.40
C ARG A 86 -16.52 0.32 -11.54
N LYS A 87 -17.56 0.47 -12.37
CA LYS A 87 -17.53 1.50 -13.41
C LYS A 87 -17.44 2.92 -12.80
N ILE A 88 -18.24 3.17 -11.78
CA ILE A 88 -18.23 4.50 -11.14
C ILE A 88 -16.86 4.78 -10.52
N TYR A 89 -16.26 3.79 -9.85
CA TYR A 89 -14.93 4.04 -9.31
C TYR A 89 -13.95 4.40 -10.42
N THR A 90 -14.02 3.69 -11.54
N THR A 90 -13.99 3.65 -11.54
CA THR A 90 -13.14 3.98 -12.66
CA THR A 90 -13.09 3.92 -12.67
C THR A 90 -13.36 5.36 -13.23
C THR A 90 -13.34 5.32 -13.26
N MET A 91 -14.61 5.78 -13.33
CA MET A 91 -14.90 7.09 -13.87
C MET A 91 -14.37 8.18 -12.94
N ILE A 92 -14.37 7.91 -11.63
CA ILE A 92 -13.71 8.81 -10.69
C ILE A 92 -12.18 8.79 -10.86
N TYR A 93 -11.58 7.60 -11.01
CA TYR A 93 -10.11 7.49 -11.21
C TYR A 93 -9.65 8.30 -12.41
N ARG A 94 -10.48 8.38 -13.46
CA ARG A 94 -10.11 9.16 -14.66
C ARG A 94 -9.99 10.65 -14.33
N ASN A 95 -10.59 11.04 -13.20
CA ASN A 95 -10.65 12.44 -12.77
C ASN A 95 -9.80 12.75 -11.54
N LEU A 96 -8.83 11.87 -11.27
CA LEU A 96 -7.89 12.11 -10.18
C LEU A 96 -6.52 12.44 -10.74
N VAL A 97 -5.78 13.26 -9.99
CA VAL A 97 -4.41 13.62 -10.39
C VAL A 97 -3.48 12.42 -10.19
N VAL A 98 -2.62 12.17 -11.17
CA VAL A 98 -1.54 11.18 -11.04
C VAL A 98 -0.42 11.86 -10.24
N VAL A 99 -0.27 11.42 -9.00
CA VAL A 99 0.67 12.04 -8.05
C VAL A 99 2.00 11.30 -8.04
N ASN A 100 2.01 10.02 -8.42
CA ASN A 100 3.22 9.20 -8.47
C ASN A 100 4.09 9.30 -7.21
N GLY B 1 -15.38 -9.22 1.40
CA GLY B 1 -14.85 -8.04 2.11
C GLY B 1 -14.46 -6.96 1.11
N PRO B 2 -14.76 -5.69 1.45
CA PRO B 2 -14.29 -4.56 0.64
C PRO B 2 -12.76 -4.55 0.53
N LEU B 3 -12.26 -4.07 -0.60
CA LEU B 3 -10.81 -3.89 -0.78
C LEU B 3 -10.23 -2.67 -0.04
N GLY B 4 -11.08 -1.69 0.24
CA GLY B 4 -10.63 -0.44 0.87
C GLY B 4 -9.76 0.40 -0.06
N SER B 5 -8.98 1.30 0.52
CA SER B 5 -8.22 2.24 -0.30
C SER B 5 -7.08 1.63 -1.12
N SER B 6 -6.73 0.36 -0.84
CA SER B 6 -5.74 -0.37 -1.65
C SER B 6 -6.12 -0.50 -3.15
N GLN B 7 -7.41 -0.39 -3.47
CA GLN B 7 -7.91 -0.48 -4.85
C GLN B 7 -7.75 0.78 -5.72
N ILE B 8 -7.44 1.90 -5.08
CA ILE B 8 -7.13 3.12 -5.79
C ILE B 8 -5.87 2.88 -6.60
N PRO B 9 -5.85 3.31 -7.88
CA PRO B 9 -4.61 3.16 -8.67
C PRO B 9 -3.40 3.67 -7.89
N ALA B 10 -2.34 2.87 -7.84
CA ALA B 10 -1.15 3.26 -7.06
C ALA B 10 -0.66 4.66 -7.43
N SER B 11 -0.71 5.00 -8.72
CA SER B 11 -0.26 6.29 -9.22
C SER B 11 -1.06 7.48 -8.71
N GLU B 12 -2.27 7.21 -8.18
CA GLU B 12 -3.14 8.27 -7.67
C GLU B 12 -3.24 8.35 -6.15
N GLN B 13 -2.57 7.45 -5.44
CA GLN B 13 -2.68 7.42 -3.96
C GLN B 13 -1.68 8.40 -3.40
N GLU B 14 -2.15 9.27 -2.53
CA GLU B 14 -1.27 10.05 -1.65
C GLU B 14 -1.28 9.38 -0.31
N THR B 15 -0.13 8.93 0.17
CA THR B 15 -0.05 8.31 1.50
C THR B 15 0.41 9.37 2.48
N LEU B 16 -0.47 9.69 3.42
CA LEU B 16 -0.19 10.74 4.39
C LEU B 16 -0.20 10.16 5.79
N VAL B 17 0.37 10.94 6.71
CA VAL B 17 0.31 10.61 8.12
C VAL B 17 -0.21 11.83 8.89
N ARG B 18 -0.72 11.57 10.08
CA ARG B 18 -1.35 12.57 10.90
C ARG B 18 -0.56 12.69 12.22
N PRO B 19 0.30 13.70 12.34
CA PRO B 19 1.00 13.85 13.64
C PRO B 19 0.08 14.02 14.85
N LYS B 20 0.48 13.40 15.96
CA LYS B 20 -0.19 13.63 17.23
C LYS B 20 -0.02 15.10 17.67
N PRO B 21 -0.84 15.55 18.63
CA PRO B 21 -0.84 17.00 18.91
C PRO B 21 0.50 17.64 19.24
N LEU B 22 1.35 16.98 20.03
CA LEU B 22 2.60 17.65 20.42
C LEU B 22 3.60 17.69 19.26
N LEU B 23 3.72 16.60 18.50
CA LEU B 23 4.52 16.66 17.27
C LEU B 23 3.97 17.71 16.30
N LEU B 24 2.65 17.79 16.19
CA LEU B 24 2.06 18.79 15.29
C LEU B 24 2.46 20.20 15.73
N LYS B 25 2.41 20.44 17.03
CA LYS B 25 2.85 21.74 17.61
C LYS B 25 4.29 22.05 17.20
N LEU B 26 5.17 21.06 17.30
CA LEU B 26 6.56 21.21 16.96
C LEU B 26 6.69 21.61 15.45
N LEU B 27 5.99 20.91 14.56
CA LEU B 27 6.09 21.21 13.13
C LEU B 27 5.51 22.61 12.82
N LYS B 28 4.39 22.94 13.45
CA LYS B 28 3.76 24.24 13.20
C LYS B 28 4.64 25.38 13.70
N SER B 29 5.51 25.10 14.68
CA SER B 29 6.36 26.16 15.24
C SER B 29 7.37 26.68 14.23
N VAL B 30 7.64 25.88 13.19
CA VAL B 30 8.56 26.31 12.13
C VAL B 30 7.82 26.50 10.82
N GLY B 31 6.51 26.70 10.95
CA GLY B 31 5.68 27.15 9.85
C GLY B 31 4.82 26.17 9.11
N ALA B 32 4.79 24.91 9.55
CA ALA B 32 3.92 23.92 8.91
C ALA B 32 2.47 24.38 9.08
N GLN B 33 1.64 24.14 8.06
CA GLN B 33 0.28 24.72 8.01
C GLN B 33 -0.88 23.71 8.00
N LYS B 34 -0.56 22.43 7.88
CA LYS B 34 -1.57 21.39 7.67
C LYS B 34 -1.69 20.45 8.88
N ASP B 35 -2.70 19.58 8.86
CA ASP B 35 -2.85 18.53 9.88
C ASP B 35 -2.31 17.19 9.42
N THR B 36 -2.11 17.05 8.11
CA THR B 36 -1.59 15.80 7.54
C THR B 36 -0.48 16.08 6.56
N TYR B 37 0.47 15.14 6.47
CA TYR B 37 1.71 15.35 5.75
C TYR B 37 2.16 14.04 5.14
N THR B 38 2.92 14.08 4.04
CA THR B 38 3.71 12.89 3.68
C THR B 38 4.84 12.69 4.72
N MET B 39 5.34 11.47 4.86
CA MET B 39 6.52 11.25 5.71
C MET B 39 7.69 12.15 5.28
N LYS B 40 7.88 12.32 3.97
CA LYS B 40 8.96 13.20 3.51
C LYS B 40 8.77 14.62 4.04
N GLU B 41 7.53 15.14 3.99
CA GLU B 41 7.27 16.48 4.52
C GLU B 41 7.52 16.54 6.02
N VAL B 42 7.11 15.52 6.77
CA VAL B 42 7.44 15.53 8.21
C VAL B 42 8.94 15.61 8.40
N LEU B 43 9.70 14.84 7.61
CA LEU B 43 11.15 14.83 7.76
C LEU B 43 11.77 16.18 7.38
N PHE B 44 11.24 16.86 6.35
CA PHE B 44 11.77 18.17 5.99
C PHE B 44 11.49 19.17 7.13
N TYR B 45 10.25 19.20 7.63
CA TYR B 45 9.96 20.12 8.74
C TYR B 45 10.70 19.79 10.02
N LEU B 46 10.93 18.49 10.28
CA LEU B 46 11.66 18.13 11.48
C LEU B 46 13.13 18.55 11.37
N GLY B 47 13.71 18.42 10.18
CA GLY B 47 15.07 18.94 9.97
C GLY B 47 15.14 20.45 10.17
N GLN B 48 14.15 21.15 9.61
CA GLN B 48 14.08 22.62 9.76
C GLN B 48 13.93 22.97 11.27
N TYR B 49 13.15 22.19 12.03
CA TYR B 49 13.04 22.41 13.47
C TYR B 49 14.35 22.26 14.19
N ILE B 50 15.04 21.15 13.91
CA ILE B 50 16.33 20.91 14.56
C ILE B 50 17.33 22.03 14.24
N MET B 51 17.31 22.52 13.01
N MET B 51 17.37 22.49 12.99
CA MET B 51 18.18 23.63 12.64
CA MET B 51 18.24 23.62 12.64
C MET B 51 17.80 24.91 13.38
C MET B 51 17.81 24.91 13.36
N THR B 52 16.51 25.20 13.42
CA THR B 52 16.01 26.41 14.09
C THR B 52 16.39 26.46 15.58
N LYS B 53 16.27 25.29 16.24
CA LYS B 53 16.56 25.14 17.67
C LYS B 53 18.05 24.91 17.92
N ARG B 54 18.83 24.75 16.84
CA ARG B 54 20.28 24.50 16.96
C ARG B 54 20.60 23.31 17.87
N LEU B 55 19.87 22.20 17.65
CA LEU B 55 20.01 21.02 18.53
C LEU B 55 21.18 20.12 18.13
N TYR B 56 21.70 20.27 16.92
CA TYR B 56 22.83 19.45 16.47
C TYR B 56 24.14 19.90 17.10
N ASP B 57 25.04 18.93 17.33
N ASP B 57 25.03 18.93 17.29
CA ASP B 57 26.41 19.18 17.77
CA ASP B 57 26.36 19.16 17.82
C ASP B 57 27.13 19.96 16.66
C ASP B 57 27.24 19.87 16.75
N ALA B 58 27.74 21.07 17.02
CA ALA B 58 28.47 21.86 16.01
C ALA B 58 29.68 21.15 15.44
N ALA B 59 30.36 20.38 16.29
CA ALA B 59 31.59 19.68 15.93
C ALA B 59 31.33 18.35 15.23
N GLN B 60 30.18 17.74 15.51
CA GLN B 60 29.84 16.42 14.97
C GLN B 60 28.38 16.47 14.60
N GLN B 61 28.09 16.99 13.40
CA GLN B 61 26.74 17.48 13.11
C GLN B 61 25.71 16.40 12.82
N HIS B 62 26.11 15.13 12.89
CA HIS B 62 25.13 14.05 12.87
C HIS B 62 24.57 13.76 14.26
N ILE B 63 25.14 14.36 15.30
N ILE B 63 25.11 14.40 15.30
CA ILE B 63 24.60 14.13 16.64
CA ILE B 63 24.65 14.16 16.68
C ILE B 63 23.57 15.21 16.91
C ILE B 63 23.63 15.22 17.08
N VAL B 64 22.40 14.79 17.40
CA VAL B 64 21.33 15.71 17.82
C VAL B 64 21.18 15.57 19.32
N TYR B 65 21.31 16.69 20.03
CA TYR B 65 21.13 16.75 21.50
C TYR B 65 19.76 17.32 21.77
N CYS B 66 18.85 16.47 22.24
CA CYS B 66 17.45 16.85 22.36
C CYS B 66 16.92 16.69 23.78
N SER B 67 17.81 16.43 24.72
CA SER B 67 17.38 16.11 26.11
C SER B 67 16.55 17.21 26.78
N ASN B 68 16.83 18.47 26.46
CA ASN B 68 16.12 19.62 27.03
C ASN B 68 15.16 20.31 26.06
N ASP B 69 14.70 19.58 25.06
CA ASP B 69 13.76 20.09 24.10
C ASP B 69 12.54 19.18 24.08
N LEU B 70 11.41 19.74 23.67
CA LEU B 70 10.21 18.92 23.42
C LEU B 70 10.52 17.69 22.54
N LEU B 71 11.42 17.84 21.55
CA LEU B 71 11.72 16.72 20.69
C LEU B 71 12.22 15.51 21.51
N GLY B 72 13.07 15.75 22.50
CA GLY B 72 13.56 14.65 23.36
C GLY B 72 12.42 13.99 24.13
N ASP B 73 11.46 14.78 24.59
CA ASP B 73 10.31 14.19 25.27
C ASP B 73 9.48 13.32 24.33
N LEU B 74 9.33 13.77 23.08
CA LEU B 74 8.49 13.04 22.13
C LEU B 74 9.19 11.79 21.62
N PHE B 75 10.51 11.88 21.39
CA PHE B 75 11.27 10.70 20.96
C PHE B 75 11.62 9.76 22.11
N GLY B 76 11.69 10.29 23.30
CA GLY B 76 12.06 9.51 24.50
C GLY B 76 13.54 9.26 24.71
N VAL B 77 14.39 10.01 24.00
CA VAL B 77 15.83 9.85 24.10
C VAL B 77 16.51 11.21 24.36
N PRO B 78 17.71 11.19 24.96
CA PRO B 78 18.39 12.47 25.21
C PRO B 78 19.21 12.95 24.00
N SER B 79 19.51 12.03 23.09
CA SER B 79 20.32 12.35 21.90
C SER B 79 20.14 11.20 20.94
N PHE B 80 20.45 11.44 19.67
CA PHE B 80 20.48 10.36 18.71
C PHE B 80 21.38 10.81 17.56
N SER B 81 21.75 9.87 16.72
CA SER B 81 22.54 10.19 15.52
C SER B 81 21.63 10.19 14.30
N VAL B 82 21.83 11.19 13.44
CA VAL B 82 21.08 11.31 12.20
C VAL B 82 21.30 10.08 11.31
N LYS B 83 22.45 9.39 11.48
CA LYS B 83 22.74 8.19 10.71
C LYS B 83 21.84 7.01 11.10
N GLU B 84 21.13 7.09 12.25
CA GLU B 84 20.27 5.98 12.69
C GLU B 84 18.88 6.14 12.04
N HIS B 85 18.83 5.90 10.74
CA HIS B 85 17.64 6.21 9.96
C HIS B 85 16.41 5.48 10.46
N ARG B 86 16.53 4.17 10.62
CA ARG B 86 15.35 3.38 10.97
C ARG B 86 14.87 3.68 12.38
N LYS B 87 15.80 3.99 13.28
CA LYS B 87 15.44 4.43 14.64
C LYS B 87 14.62 5.71 14.56
N ILE B 88 15.08 6.66 13.72
CA ILE B 88 14.37 7.95 13.62
C ILE B 88 12.98 7.76 13.06
N TYR B 89 12.85 6.91 12.04
CA TYR B 89 11.50 6.66 11.55
C TYR B 89 10.59 6.10 12.64
N THR B 90 11.11 5.13 13.38
CA THR B 90 10.37 4.50 14.47
C THR B 90 9.94 5.53 15.51
N MET B 91 10.85 6.46 15.87
CA MET B 91 10.50 7.49 16.85
C MET B 91 9.45 8.44 16.33
N ILE B 92 9.46 8.69 15.02
CA ILE B 92 8.37 9.45 14.42
C ILE B 92 7.06 8.67 14.46
N TYR B 93 7.07 7.37 14.11
CA TYR B 93 5.82 6.58 14.13
C TYR B 93 5.17 6.54 15.53
N ARG B 94 5.98 6.65 16.59
CA ARG B 94 5.40 6.68 17.95
C ARG B 94 4.59 7.99 18.17
N ASN B 95 4.79 8.98 17.29
CA ASN B 95 4.12 10.29 17.41
C ASN B 95 3.11 10.58 16.33
N LEU B 96 2.65 9.51 15.67
CA LEU B 96 1.58 9.63 14.70
C LEU B 96 0.27 9.02 15.22
N VAL B 97 -0.83 9.60 14.75
CA VAL B 97 -2.16 9.13 15.12
C VAL B 97 -2.48 7.82 14.41
N VAL B 98 -3.06 6.87 15.16
CA VAL B 98 -3.57 5.63 14.58
C VAL B 98 -4.89 5.96 13.90
N VAL B 99 -4.87 5.95 12.57
CA VAL B 99 -6.02 6.39 11.81
C VAL B 99 -6.92 5.23 11.35
N ASN B 100 -6.37 4.00 11.32
CA ASN B 100 -7.17 2.81 10.97
C ASN B 100 -7.34 1.80 12.11
N SER C 6 16.27 -19.26 -34.72
CA SER C 6 15.25 -19.67 -33.73
C SER C 6 14.19 -20.62 -34.31
N GLN C 7 13.80 -21.62 -33.54
CA GLN C 7 12.71 -22.50 -33.95
C GLN C 7 11.35 -21.77 -33.86
N ILE C 8 10.43 -22.09 -34.78
CA ILE C 8 9.07 -21.56 -34.75
C ILE C 8 8.35 -22.24 -33.60
N PRO C 9 7.63 -21.47 -32.77
CA PRO C 9 6.92 -22.12 -31.64
C PRO C 9 5.86 -23.08 -32.14
N ALA C 10 5.57 -24.10 -31.34
CA ALA C 10 4.59 -25.10 -31.73
C ALA C 10 3.19 -24.50 -31.90
N SER C 11 2.89 -23.41 -31.18
CA SER C 11 1.60 -22.72 -31.24
C SER C 11 1.81 -21.28 -30.77
N GLU C 12 0.87 -20.40 -31.08
CA GLU C 12 0.97 -19.03 -30.64
C GLU C 12 1.09 -19.01 -29.11
N GLN C 13 0.33 -19.85 -28.42
CA GLN C 13 0.35 -19.93 -26.94
C GLN C 13 1.71 -20.25 -26.38
N GLU C 14 2.55 -20.95 -27.14
CA GLU C 14 3.85 -21.39 -26.66
C GLU C 14 4.99 -20.44 -27.08
N THR C 15 4.66 -19.33 -27.73
CA THR C 15 5.68 -18.35 -28.08
C THR C 15 6.34 -17.87 -26.79
N LEU C 16 7.67 -17.86 -26.76
CA LEU C 16 8.42 -17.38 -25.58
C LEU C 16 8.63 -15.90 -25.68
N VAL C 17 8.38 -15.22 -24.55
CA VAL C 17 8.39 -13.77 -24.53
C VAL C 17 9.02 -13.23 -23.25
N ARG C 18 9.56 -12.02 -23.35
CA ARG C 18 10.06 -11.30 -22.19
C ARG C 18 9.24 -10.02 -22.02
N PRO C 19 8.44 -9.93 -20.95
CA PRO C 19 7.68 -8.72 -20.74
C PRO C 19 8.57 -7.49 -20.54
N LYS C 20 8.13 -6.35 -21.07
CA LYS C 20 8.78 -5.05 -20.83
C LYS C 20 8.47 -4.61 -19.38
N PRO C 21 9.15 -3.58 -18.88
CA PRO C 21 9.10 -3.33 -17.43
C PRO C 21 7.72 -3.16 -16.79
N LEU C 22 6.82 -2.40 -17.41
CA LEU C 22 5.47 -2.21 -16.82
C LEU C 22 4.72 -3.54 -16.75
N LEU C 23 4.74 -4.29 -17.85
CA LEU C 23 4.03 -5.57 -17.85
C LEU C 23 4.70 -6.53 -16.86
N LEU C 24 6.04 -6.51 -16.74
CA LEU C 24 6.72 -7.40 -15.80
C LEU C 24 6.30 -7.04 -14.38
N LYS C 25 6.16 -5.75 -14.10
CA LYS C 25 5.73 -5.30 -12.77
C LYS C 25 4.34 -5.83 -12.45
N LEU C 26 3.46 -5.80 -13.45
CA LEU C 26 2.10 -6.33 -13.26
C LEU C 26 2.15 -7.84 -12.94
N LEU C 27 2.91 -8.57 -13.73
CA LEU C 27 3.06 -10.03 -13.51
C LEU C 27 3.64 -10.33 -12.13
N LYS C 28 4.68 -9.61 -11.75
CA LYS C 28 5.29 -9.87 -10.43
C LYS C 28 4.33 -9.56 -9.28
N SER C 29 3.42 -8.61 -9.51
CA SER C 29 2.45 -8.24 -8.48
C SER C 29 1.51 -9.40 -8.14
N VAL C 30 1.35 -10.34 -9.06
CA VAL C 30 0.51 -11.52 -8.86
C VAL C 30 1.32 -12.78 -8.70
N GLY C 31 2.60 -12.63 -8.43
CA GLY C 31 3.39 -13.76 -8.00
C GLY C 31 4.37 -14.30 -9.00
N ALA C 32 4.42 -13.74 -10.20
CA ALA C 32 5.40 -14.19 -11.19
C ALA C 32 6.81 -13.96 -10.67
N GLN C 33 7.70 -14.91 -10.95
CA GLN C 33 9.03 -14.97 -10.34
C GLN C 33 10.15 -14.83 -11.39
N LYS C 34 9.81 -15.08 -12.66
CA LYS C 34 10.77 -15.18 -13.77
C LYS C 34 10.71 -13.96 -14.69
N ASP C 35 11.64 -13.90 -15.63
CA ASP C 35 11.70 -12.83 -16.63
C ASP C 35 11.16 -13.27 -17.99
N THR C 36 11.15 -14.59 -18.23
CA THR C 36 10.70 -15.17 -19.51
C THR C 36 9.50 -16.11 -19.33
N TYR C 37 8.54 -16.02 -20.24
CA TYR C 37 7.22 -16.68 -20.11
C TYR C 37 6.75 -17.14 -21.46
N THR C 38 5.85 -18.11 -21.49
CA THR C 38 5.07 -18.32 -22.69
C THR C 38 3.94 -17.31 -22.76
N MET C 39 3.43 -17.06 -23.96
CA MET C 39 2.25 -16.22 -24.09
C MET C 39 1.08 -16.72 -23.23
N LYS C 40 0.86 -18.04 -23.19
CA LYS C 40 -0.23 -18.60 -22.37
C LYS C 40 -0.03 -18.19 -20.91
N GLU C 41 1.20 -18.29 -20.38
CA GLU C 41 1.48 -17.88 -18.99
C GLU C 41 1.16 -16.39 -18.77
N VAL C 42 1.53 -15.53 -19.74
CA VAL C 42 1.22 -14.10 -19.61
C VAL C 42 -0.30 -13.91 -19.51
N LEU C 43 -1.06 -14.57 -20.38
N LEU C 43 -1.06 -14.58 -20.37
CA LEU C 43 -2.53 -14.47 -20.35
CA LEU C 43 -2.50 -14.49 -20.33
C LEU C 43 -3.12 -14.97 -19.02
C LEU C 43 -3.06 -14.92 -18.98
N PHE C 44 -2.55 -16.02 -18.43
CA PHE C 44 -3.08 -16.51 -17.15
C PHE C 44 -2.79 -15.49 -16.05
N TYR C 45 -1.59 -14.94 -16.01
CA TYR C 45 -1.28 -13.95 -14.96
C TYR C 45 -2.12 -12.69 -15.13
N LEU C 46 -2.36 -12.24 -16.38
CA LEU C 46 -3.23 -11.06 -16.60
C LEU C 46 -4.66 -11.36 -16.12
N GLY C 47 -5.18 -12.57 -16.40
CA GLY C 47 -6.50 -12.94 -15.88
C GLY C 47 -6.51 -12.91 -14.36
N GLN C 48 -5.46 -13.42 -13.75
CA GLN C 48 -5.38 -13.45 -12.28
C GLN C 48 -5.30 -12.03 -11.70
N TYR C 49 -4.58 -11.12 -12.37
CA TYR C 49 -4.55 -9.73 -11.95
C TYR C 49 -5.97 -9.12 -11.97
N ILE C 50 -6.68 -9.31 -13.09
CA ILE C 50 -8.03 -8.78 -13.21
C ILE C 50 -8.97 -9.34 -12.11
N MET C 51 -8.88 -10.64 -11.83
CA MET C 51 -9.81 -11.22 -10.86
C MET C 51 -9.44 -10.81 -9.43
N THR C 52 -8.15 -10.84 -9.09
CA THR C 52 -7.79 -10.53 -7.71
C THR C 52 -8.04 -9.06 -7.39
N LYS C 53 -7.90 -8.17 -8.38
CA LYS C 53 -8.19 -6.75 -8.19
C LYS C 53 -9.65 -6.40 -8.46
N ARG C 54 -10.46 -7.38 -8.87
CA ARG C 54 -11.92 -7.23 -9.07
C ARG C 54 -12.21 -6.16 -10.09
N LEU C 55 -11.51 -6.22 -11.23
CA LEU C 55 -11.67 -5.17 -12.22
C LEU C 55 -12.85 -5.41 -13.20
N TYR C 56 -13.36 -6.63 -13.28
CA TYR C 56 -14.43 -6.92 -14.22
C TYR C 56 -15.75 -6.35 -13.64
N ASP C 57 -16.61 -5.90 -14.52
CA ASP C 57 -17.95 -5.47 -14.12
C ASP C 57 -18.68 -6.70 -13.52
N ALA C 58 -19.25 -6.55 -12.32
CA ALA C 58 -19.84 -7.71 -11.64
C ALA C 58 -21.03 -8.31 -12.38
N ALA C 59 -21.80 -7.47 -13.08
CA ALA C 59 -23.00 -7.92 -13.78
C ALA C 59 -22.74 -8.28 -15.24
N GLN C 60 -21.82 -7.57 -15.90
CA GLN C 60 -21.47 -7.81 -17.32
C GLN C 60 -19.97 -8.12 -17.38
N GLN C 61 -19.64 -9.39 -17.12
CA GLN C 61 -18.26 -9.74 -16.74
C GLN C 61 -17.29 -9.80 -17.89
N HIS C 62 -17.75 -9.50 -19.11
CA HIS C 62 -16.81 -9.28 -20.21
C HIS C 62 -16.20 -7.87 -20.26
N ILE C 63 -16.71 -6.95 -19.43
N ILE C 63 -16.68 -6.99 -19.37
CA ILE C 63 -16.17 -5.62 -19.39
CA ILE C 63 -16.23 -5.61 -19.33
C ILE C 63 -15.16 -5.54 -18.24
C ILE C 63 -15.22 -5.41 -18.21
N VAL C 64 -14.00 -4.98 -18.56
CA VAL C 64 -12.92 -4.75 -17.58
C VAL C 64 -12.71 -3.25 -17.42
N TYR C 65 -12.66 -2.80 -16.17
CA TYR C 65 -12.38 -1.38 -15.85
C TYR C 65 -10.99 -1.27 -15.30
N CYS C 66 -10.16 -0.43 -15.91
CA CYS C 66 -8.78 -0.38 -15.54
C CYS C 66 -8.20 1.02 -15.51
N SER C 67 -9.04 2.06 -15.46
CA SER C 67 -8.51 3.43 -15.51
C SER C 67 -7.35 3.69 -14.53
N ASN C 68 -6.19 4.07 -15.09
CA ASN C 68 -5.01 4.45 -14.34
C ASN C 68 -4.35 3.38 -13.50
N ASP C 69 -4.85 2.13 -13.51
CA ASP C 69 -4.05 1.08 -12.85
C ASP C 69 -2.96 0.62 -13.79
N LEU C 70 -2.07 -0.28 -13.31
CA LEU C 70 -0.95 -0.78 -14.18
C LEU C 70 -1.52 -1.27 -15.50
N LEU C 71 -2.65 -1.95 -15.43
CA LEU C 71 -3.25 -2.51 -16.63
C LEU C 71 -3.75 -1.41 -17.58
N GLY C 72 -4.46 -0.42 -17.07
CA GLY C 72 -4.96 0.68 -17.91
C GLY C 72 -3.79 1.46 -18.51
N ASP C 73 -2.71 1.58 -17.76
CA ASP C 73 -1.53 2.27 -18.27
C ASP C 73 -0.86 1.49 -19.41
N LEU C 74 -0.78 0.16 -19.27
N LEU C 74 -0.82 0.16 -19.25
CA LEU C 74 -0.30 -0.73 -20.34
CA LEU C 74 -0.34 -0.84 -20.21
C LEU C 74 -1.14 -0.62 -21.59
C LEU C 74 -1.12 -0.88 -21.53
N PHE C 75 -2.44 -0.80 -21.41
CA PHE C 75 -3.37 -0.89 -22.54
C PHE C 75 -3.74 0.51 -23.08
N GLY C 76 -3.59 1.54 -22.25
CA GLY C 76 -3.88 2.94 -22.63
C GLY C 76 -5.35 3.30 -22.74
N VAL C 77 -6.20 2.59 -21.99
CA VAL C 77 -7.65 2.76 -22.02
C VAL C 77 -8.19 2.71 -20.59
N PRO C 78 -9.38 3.31 -20.35
CA PRO C 78 -10.02 3.16 -19.05
C PRO C 78 -10.82 1.89 -18.89
N SER C 79 -11.25 1.29 -20.00
N SER C 79 -11.09 1.22 -20.01
CA SER C 79 -12.03 0.05 -19.97
CA SER C 79 -11.96 0.05 -20.01
C SER C 79 -11.92 -0.66 -21.34
C SER C 79 -11.71 -0.71 -21.31
N PHE C 80 -12.15 -1.96 -21.34
CA PHE C 80 -12.17 -2.73 -22.58
C PHE C 80 -13.09 -3.91 -22.42
N SER C 81 -13.48 -4.47 -23.55
CA SER C 81 -14.26 -5.71 -23.59
C SER C 81 -13.36 -6.91 -23.89
N VAL C 82 -13.53 -7.98 -23.12
CA VAL C 82 -12.79 -9.22 -23.31
C VAL C 82 -13.07 -9.80 -24.66
N LYS C 83 -14.21 -9.45 -25.24
CA LYS C 83 -14.59 -9.97 -26.56
C LYS C 83 -13.74 -9.43 -27.70
N GLU C 84 -13.03 -8.33 -27.46
CA GLU C 84 -12.18 -7.71 -28.47
C GLU C 84 -10.81 -8.41 -28.51
N HIS C 85 -10.79 -9.67 -28.92
CA HIS C 85 -9.59 -10.50 -28.82
C HIS C 85 -8.40 -9.89 -29.53
N ARG C 86 -8.58 -9.44 -30.77
CA ARG C 86 -7.41 -8.97 -31.53
C ARG C 86 -6.85 -7.66 -30.96
N LYS C 87 -7.75 -6.79 -30.49
CA LYS C 87 -7.35 -5.57 -29.80
C LYS C 87 -6.51 -5.85 -28.53
N ILE C 88 -6.95 -6.83 -27.73
CA ILE C 88 -6.21 -7.21 -26.52
C ILE C 88 -4.82 -7.78 -26.87
N TYR C 89 -4.79 -8.68 -27.87
CA TYR C 89 -3.47 -9.18 -28.29
C TYR C 89 -2.52 -8.08 -28.77
N THR C 90 -3.03 -7.14 -29.54
CA THR C 90 -2.24 -6.01 -30.03
C THR C 90 -1.61 -5.25 -28.85
N MET C 91 -2.42 -5.00 -27.81
CA MET C 91 -2.00 -4.24 -26.64
C MET C 91 -0.97 -5.03 -25.84
N ILE C 92 -1.17 -6.34 -25.70
CA ILE C 92 -0.21 -7.18 -25.01
C ILE C 92 1.13 -7.25 -25.74
N TYR C 93 1.09 -7.44 -27.07
CA TYR C 93 2.29 -7.62 -27.89
C TYR C 93 3.23 -6.40 -27.79
N ARG C 94 2.64 -5.21 -27.73
CA ARG C 94 3.40 -3.94 -27.58
C ARG C 94 4.24 -3.92 -26.30
N ASN C 95 3.83 -4.75 -25.34
CA ASN C 95 4.48 -4.80 -24.03
C ASN C 95 5.37 -6.01 -23.80
N LEU C 96 5.69 -6.71 -24.89
N LEU C 96 5.87 -6.60 -24.87
CA LEU C 96 6.53 -7.93 -24.90
CA LEU C 96 6.85 -7.65 -24.69
C LEU C 96 7.70 -7.79 -25.90
C LEU C 96 7.68 -7.87 -25.93
N VAL C 97 8.74 -8.61 -25.72
CA VAL C 97 9.75 -8.88 -26.72
C VAL C 97 9.77 -10.37 -26.94
N VAL C 98 9.74 -10.80 -28.21
CA VAL C 98 9.82 -12.23 -28.51
C VAL C 98 11.25 -12.73 -28.31
N VAL C 99 11.40 -13.92 -27.71
CA VAL C 99 12.75 -14.48 -27.50
C VAL C 99 12.87 -15.84 -28.13
N ASN C 100 14.10 -16.32 -28.25
CA ASN C 100 14.43 -17.61 -28.84
C ASN C 100 13.75 -18.81 -28.18
N GLN C 101 13.30 -19.71 -29.04
CA GLN C 101 13.00 -21.14 -28.78
C GLN C 101 11.52 -21.48 -28.85
N SER D 6 1.33 -37.15 23.73
CA SER D 6 2.39 -36.68 22.82
C SER D 6 3.74 -37.10 23.39
N GLN D 7 4.69 -37.47 22.52
CA GLN D 7 6.05 -37.62 22.96
C GLN D 7 6.67 -36.23 23.25
N ILE D 8 7.66 -36.21 24.14
CA ILE D 8 8.45 -34.99 24.41
C ILE D 8 9.23 -34.67 23.13
N PRO D 9 9.22 -33.41 22.67
CA PRO D 9 10.06 -33.09 21.49
C PRO D 9 11.55 -33.40 21.72
N ALA D 10 12.27 -33.73 20.65
CA ALA D 10 13.71 -34.04 20.74
C ALA D 10 14.53 -32.86 21.28
N SER D 11 14.04 -31.64 21.05
CA SER D 11 14.68 -30.39 21.51
C SER D 11 13.61 -29.28 21.52
N GLU D 12 13.89 -28.13 22.16
CA GLU D 12 12.90 -27.02 22.17
C GLU D 12 12.57 -26.63 20.74
N GLN D 13 13.59 -26.54 19.89
CA GLN D 13 13.30 -26.06 18.54
C GLN D 13 12.52 -27.07 17.68
N GLU D 14 12.38 -28.32 18.15
CA GLU D 14 11.56 -29.30 17.45
C GLU D 14 10.11 -29.36 17.96
N THR D 15 9.80 -28.54 18.95
CA THR D 15 8.39 -28.46 19.40
C THR D 15 7.51 -28.05 18.24
N LEU D 16 6.38 -28.75 18.09
CA LEU D 16 5.39 -28.47 17.03
C LEU D 16 4.34 -27.52 17.54
N VAL D 17 4.03 -26.51 16.75
CA VAL D 17 3.13 -25.45 17.18
C VAL D 17 2.20 -25.01 16.03
N ARG D 18 1.11 -24.35 16.41
CA ARG D 18 0.29 -23.67 15.43
C ARG D 18 0.12 -22.20 15.84
N PRO D 19 0.21 -21.30 14.88
CA PRO D 19 0.19 -19.88 15.19
C PRO D 19 -1.23 -19.38 15.42
N LYS D 20 -1.36 -18.46 16.38
CA LYS D 20 -2.58 -17.68 16.50
C LYS D 20 -2.65 -16.67 15.32
N PRO D 21 -3.81 -15.99 15.15
CA PRO D 21 -4.04 -15.27 13.88
C PRO D 21 -3.00 -14.21 13.49
N LEU D 22 -2.51 -13.43 14.44
CA LEU D 22 -1.55 -12.37 14.06
C LEU D 22 -0.22 -13.01 13.58
N LEU D 23 0.27 -13.99 14.33
CA LEU D 23 1.50 -14.65 13.95
C LEU D 23 1.31 -15.43 12.64
N LEU D 24 0.12 -15.99 12.43
CA LEU D 24 -0.18 -16.69 11.17
C LEU D 24 -0.04 -15.73 10.00
N LYS D 25 -0.53 -14.50 10.17
CA LYS D 25 -0.44 -13.50 9.09
C LYS D 25 1.03 -13.22 8.75
N LEU D 26 1.88 -13.09 9.78
CA LEU D 26 3.27 -12.87 9.55
C LEU D 26 3.93 -14.06 8.83
N LEU D 27 3.68 -15.28 9.32
CA LEU D 27 4.31 -16.44 8.71
C LEU D 27 3.87 -16.65 7.24
N LYS D 28 2.58 -16.42 6.95
CA LYS D 28 2.09 -16.51 5.56
C LYS D 28 2.77 -15.51 4.65
N SER D 29 3.20 -14.38 5.20
CA SER D 29 3.83 -13.38 4.35
C SER D 29 5.25 -13.77 3.90
N VAL D 30 5.89 -14.66 4.65
CA VAL D 30 7.26 -15.14 4.42
C VAL D 30 7.32 -16.30 3.42
N GLY D 31 6.36 -17.21 3.49
CA GLY D 31 6.40 -18.36 2.59
C GLY D 31 5.08 -19.10 2.66
N ALA D 32 4.99 -20.22 1.95
CA ALA D 32 3.79 -21.05 1.93
C ALA D 32 3.24 -21.31 3.35
N GLN D 33 1.95 -21.05 3.51
CA GLN D 33 1.27 -21.36 4.76
C GLN D 33 1.35 -22.86 5.07
N LYS D 34 1.53 -23.20 6.35
CA LYS D 34 1.58 -24.58 6.85
C LYS D 34 0.53 -24.71 7.96
N ASP D 35 0.05 -25.92 8.20
CA ASP D 35 -0.87 -26.14 9.32
C ASP D 35 -0.15 -26.08 10.68
N THR D 36 1.05 -26.65 10.71
CA THR D 36 1.89 -26.72 11.90
C THR D 36 3.31 -26.35 11.50
N TYR D 37 4.02 -25.77 12.45
CA TYR D 37 5.39 -25.35 12.28
C TYR D 37 6.20 -25.89 13.43
N THR D 38 7.48 -26.11 13.23
CA THR D 38 8.36 -26.26 14.38
C THR D 38 8.72 -24.90 14.96
N MET D 39 9.14 -24.90 16.22
CA MET D 39 9.69 -23.68 16.80
C MET D 39 10.87 -23.15 15.98
N LYS D 40 11.75 -24.04 15.48
CA LYS D 40 12.83 -23.58 14.60
C LYS D 40 12.28 -22.83 13.39
N GLU D 41 11.28 -23.37 12.71
CA GLU D 41 10.65 -22.68 11.59
C GLU D 41 10.07 -21.32 11.99
N VAL D 42 9.39 -21.26 13.14
CA VAL D 42 8.84 -19.96 13.56
C VAL D 42 9.96 -18.93 13.69
N LEU D 43 11.06 -19.31 14.35
CA LEU D 43 12.14 -18.34 14.55
C LEU D 43 12.81 -17.97 13.22
N PHE D 44 13.00 -18.96 12.35
CA PHE D 44 13.67 -18.68 11.05
C PHE D 44 12.77 -17.81 10.19
N TYR D 45 11.47 -18.08 10.19
CA TYR D 45 10.55 -17.23 9.40
C TYR D 45 10.49 -15.81 9.97
N LEU D 46 10.48 -15.66 11.30
CA LEU D 46 10.53 -14.29 11.89
C LEU D 46 11.80 -13.56 11.47
N GLY D 47 12.92 -14.28 11.45
CA GLY D 47 14.18 -13.67 11.00
C GLY D 47 14.07 -13.22 9.55
N GLN D 48 13.53 -14.09 8.70
CA GLN D 48 13.39 -13.76 7.29
C GLN D 48 12.45 -12.56 7.11
N TYR D 49 11.38 -12.49 7.90
CA TYR D 49 10.45 -11.34 7.86
C TYR D 49 11.18 -10.04 8.22
N ILE D 50 11.95 -10.06 9.32
CA ILE D 50 12.68 -8.88 9.76
C ILE D 50 13.67 -8.44 8.66
N MET D 51 14.30 -9.38 7.97
N MET D 51 14.34 -9.41 8.04
CA MET D 51 15.25 -8.98 6.94
CA MET D 51 15.29 -9.14 6.96
C MET D 51 14.59 -8.43 5.69
C MET D 51 14.59 -8.47 5.78
N THR D 52 13.55 -9.11 5.24
CA THR D 52 12.90 -8.63 4.03
C THR D 52 12.22 -7.26 4.23
N LYS D 53 11.74 -6.98 5.46
CA LYS D 53 11.07 -5.72 5.75
C LYS D 53 12.06 -4.66 6.29
N ARG D 54 13.34 -5.03 6.40
CA ARG D 54 14.40 -4.11 6.84
C ARG D 54 14.14 -3.53 8.23
N LEU D 55 13.74 -4.38 9.16
CA LEU D 55 13.25 -3.94 10.49
C LEU D 55 14.27 -4.09 11.59
N TYR D 56 15.49 -3.76 11.24
CA TYR D 56 16.64 -3.84 12.12
C TYR D 56 17.56 -2.64 11.86
N ASP D 57 18.34 -2.30 12.87
CA ASP D 57 19.24 -1.16 12.75
C ASP D 57 20.40 -1.52 11.83
N ALA D 58 20.66 -0.72 10.79
CA ALA D 58 21.68 -1.11 9.81
C ALA D 58 23.10 -1.11 10.38
N ALA D 59 23.37 -0.28 11.39
CA ALA D 59 24.74 -0.21 11.96
C ALA D 59 24.91 -1.06 13.22
N GLN D 60 23.86 -1.18 14.03
CA GLN D 60 23.91 -2.01 15.23
C GLN D 60 22.86 -3.12 15.06
N GLN D 61 23.28 -4.19 14.39
CA GLN D 61 22.30 -5.10 13.83
C GLN D 61 21.72 -6.07 14.84
N HIS D 62 22.09 -5.92 16.11
CA HIS D 62 21.36 -6.62 17.17
C HIS D 62 20.06 -5.93 17.61
N ILE D 63 19.75 -4.78 17.02
N ILE D 63 19.78 -4.76 17.06
CA ILE D 63 18.58 -4.01 17.44
CA ILE D 63 18.54 -4.04 17.41
C ILE D 63 17.51 -4.13 16.36
C ILE D 63 17.50 -4.21 16.31
N VAL D 64 16.31 -4.62 16.73
CA VAL D 64 15.15 -4.76 15.84
C VAL D 64 14.21 -3.59 16.12
N TYR D 65 13.69 -2.93 15.08
CA TYR D 65 12.65 -1.91 15.23
C TYR D 65 11.32 -2.50 14.82
N CYS D 66 10.32 -2.38 15.69
CA CYS D 66 9.03 -2.98 15.42
C CYS D 66 8.15 -1.92 14.77
N SER D 67 8.64 -1.41 13.63
CA SER D 67 8.01 -0.29 12.92
C SER D 67 7.08 -0.86 11.85
N ASN D 68 6.13 -1.66 12.30
CA ASN D 68 5.36 -2.54 11.43
C ASN D 68 4.25 -3.00 12.36
N ASP D 69 3.01 -2.97 11.87
CA ASP D 69 1.87 -3.33 12.71
C ASP D 69 1.99 -4.75 13.23
N LEU D 70 2.36 -5.70 12.36
CA LEU D 70 2.41 -7.10 12.81
C LEU D 70 3.50 -7.29 13.85
N LEU D 71 4.68 -6.75 13.58
CA LEU D 71 5.78 -7.02 14.48
C LEU D 71 5.55 -6.27 15.80
N GLY D 72 5.00 -5.05 15.72
CA GLY D 72 4.64 -4.28 16.92
C GLY D 72 3.55 -4.98 17.73
N ASP D 73 2.56 -5.55 17.04
CA ASP D 73 1.48 -6.30 17.73
C ASP D 73 2.04 -7.52 18.46
N LEU D 74 3.01 -8.18 17.85
N LEU D 74 3.01 -8.18 17.82
CA LEU D 74 3.59 -9.39 18.46
CA LEU D 74 3.67 -9.41 18.34
C LEU D 74 4.46 -9.06 19.68
C LEU D 74 4.56 -9.17 19.56
N PHE D 75 5.38 -8.12 19.52
CA PHE D 75 6.35 -7.89 20.58
C PHE D 75 5.93 -6.83 21.58
N GLY D 76 5.04 -5.90 21.19
CA GLY D 76 4.45 -4.92 22.13
C GLY D 76 5.34 -3.76 22.53
N VAL D 77 6.45 -3.60 21.83
CA VAL D 77 7.44 -2.55 22.13
C VAL D 77 7.91 -1.96 20.81
N PRO D 78 8.51 -0.75 20.83
CA PRO D 78 9.01 -0.17 19.58
C PRO D 78 10.32 -0.78 19.08
N SER D 79 11.10 -1.39 19.99
CA SER D 79 12.39 -1.96 19.62
C SER D 79 12.76 -2.97 20.65
N PHE D 80 13.60 -3.90 20.25
CA PHE D 80 14.22 -4.79 21.20
C PHE D 80 15.57 -5.27 20.69
N SER D 81 16.39 -5.79 21.59
CA SER D 81 17.67 -6.36 21.26
C SER D 81 17.55 -7.86 21.11
N VAL D 82 18.25 -8.42 20.13
CA VAL D 82 18.30 -9.88 19.95
C VAL D 82 18.83 -10.60 21.21
N LYS D 83 19.53 -9.88 22.08
CA LYS D 83 19.98 -10.46 23.36
C LYS D 83 18.88 -10.70 24.39
N GLU D 84 17.71 -10.11 24.17
CA GLU D 84 16.59 -10.20 25.13
C GLU D 84 15.82 -11.50 24.88
N HIS D 85 16.53 -12.61 25.08
CA HIS D 85 16.01 -13.96 24.81
C HIS D 85 14.71 -14.25 25.52
N ARG D 86 14.65 -13.94 26.82
CA ARG D 86 13.46 -14.22 27.63
C ARG D 86 12.24 -13.48 27.09
N LYS D 87 12.40 -12.20 26.77
CA LYS D 87 11.30 -11.38 26.29
C LYS D 87 10.84 -11.92 24.92
N ILE D 88 11.81 -12.23 24.05
CA ILE D 88 11.51 -12.67 22.69
C ILE D 88 10.68 -13.96 22.73
N TYR D 89 11.14 -14.95 23.50
CA TYR D 89 10.42 -16.20 23.59
C TYR D 89 9.07 -16.06 24.29
N THR D 90 8.99 -15.22 25.33
CA THR D 90 7.74 -14.99 26.02
C THR D 90 6.68 -14.50 25.03
N MET D 91 7.06 -13.53 24.18
CA MET D 91 6.09 -12.95 23.28
C MET D 91 5.73 -13.90 22.15
N ILE D 92 6.71 -14.66 21.66
CA ILE D 92 6.43 -15.69 20.65
C ILE D 92 5.48 -16.76 21.20
N TYR D 93 5.78 -17.27 22.39
CA TYR D 93 4.96 -18.33 22.96
C TYR D 93 3.50 -17.88 23.17
N ARG D 94 3.30 -16.60 23.50
CA ARG D 94 1.93 -16.07 23.71
C ARG D 94 1.11 -16.10 22.42
N ASN D 95 1.81 -16.20 21.29
CA ASN D 95 1.16 -16.19 19.99
C ASN D 95 1.10 -17.52 19.27
N LEU D 96 1.07 -18.61 20.03
N LEU D 96 1.38 -18.60 20.03
CA LEU D 96 0.94 -19.89 19.39
CA LEU D 96 1.44 -19.99 19.55
C LEU D 96 0.56 -20.93 20.40
C LEU D 96 0.49 -20.87 20.40
N VAL D 97 0.06 -22.01 19.84
CA VAL D 97 -0.51 -23.13 20.59
C VAL D 97 0.37 -24.35 20.31
N VAL D 98 0.71 -25.10 21.35
CA VAL D 98 1.49 -26.32 21.16
C VAL D 98 0.57 -27.43 20.63
N VAL D 99 1.08 -28.21 19.67
CA VAL D 99 0.32 -29.35 19.14
C VAL D 99 1.10 -30.66 19.34
N ASN D 100 0.40 -31.76 19.10
N ASN D 100 0.41 -31.78 19.12
CA ASN D 100 0.99 -33.09 19.24
CA ASN D 100 0.97 -33.12 19.37
C ASN D 100 2.19 -33.26 18.35
C ASN D 100 2.05 -33.48 18.36
N GLN D 101 3.20 -33.97 18.85
CA GLN D 101 4.29 -34.48 18.01
C GLN D 101 3.77 -35.60 17.11
C ACE E 1 -38.02 3.07 -4.48
O ACE E 1 -38.19 4.00 -3.68
CH3 ACE E 1 -39.13 2.68 -5.45
N THR E 2 -36.89 2.35 -4.56
CA THR E 2 -35.72 2.60 -3.70
C THR E 2 -35.15 3.98 -3.99
N SER E 3 -34.81 4.73 -2.95
CA SER E 3 -34.24 6.07 -3.13
C SER E 3 -32.85 6.03 -3.76
N PHE E 4 -32.55 7.10 -4.49
CA PHE E 4 -31.17 7.30 -4.93
C PHE E 4 -30.19 7.24 -3.76
O 2JN E 5 -28.14 6.27 -0.82
C 2JN E 5 -29.28 6.63 -1.08
CA 2JN E 5 -29.66 8.05 -1.46
CAA 2JN E 5 -30.50 8.69 -0.35
N 2JN E 5 -30.57 7.98 -2.62
CAO 2JN E 5 -28.44 8.86 -1.91
CAM 2JN E 5 -27.44 9.35 -0.86
CAK 2JN E 5 -26.41 10.24 -1.58
CAI 2JN E 5 -25.34 10.72 -0.62
N GLU E 6 -30.31 5.66 -0.99
CA GLU E 6 -30.05 4.26 -0.58
C GLU E 6 -29.13 3.54 -1.57
N TYR E 7 -29.31 3.74 -2.87
CA TYR E 7 -28.42 3.11 -3.84
C TYR E 7 -26.98 3.62 -3.70
N TRP E 8 -26.82 4.93 -3.52
CA TRP E 8 -25.48 5.52 -3.53
C TRP E 8 -24.74 5.24 -2.25
O 2JN E 9 -23.07 3.72 1.02
C 2JN E 9 -24.01 3.84 0.24
CA 2JN E 9 -24.93 5.03 0.26
CAA 2JN E 9 -26.08 4.64 1.16
N 2JN E 9 -25.52 5.21 -1.07
CAO 2JN E 9 -24.07 6.22 0.73
CAM 2JN E 9 -24.69 7.61 0.87
CAK 2JN E 9 -24.05 8.53 -0.16
CAI 2JN E 9 -24.35 10.01 0.01
N LEU E 10 -24.32 2.76 -0.75
CA LEU E 10 -23.68 1.46 -0.89
C LEU E 10 -22.27 1.61 -1.47
N LEU E 11 -21.98 2.74 -2.12
N LEU E 11 -22.00 2.72 -2.16
CA LEU E 11 -20.70 2.90 -2.83
CA LEU E 11 -20.71 2.89 -2.81
C LEU E 11 -19.51 3.14 -1.90
C LEU E 11 -19.57 3.04 -1.82
N PRO E 12 -19.65 4.04 -0.91
CA PRO E 12 -18.55 4.07 0.07
C PRO E 12 -18.50 2.83 0.98
N GLU E 13 -19.65 2.19 1.23
CA GLU E 13 -19.70 0.95 2.03
C GLU E 13 -19.00 -0.22 1.32
N ASN E 14 -19.32 -0.44 0.05
CA ASN E 14 -18.70 -1.54 -0.72
C ASN E 14 -17.26 -1.26 -1.12
N PHE E 15 -16.93 0.03 -1.24
CA PHE E 15 -15.56 0.44 -1.51
C PHE E 15 -14.65 0.07 -0.34
N NH2 E 16 -15.04 0.46 0.87
N THR F 2 31.34 17.30 8.02
CA THR F 2 30.03 17.21 7.29
C THR F 2 28.90 17.96 8.01
N SER F 3 28.03 18.61 7.24
CA SER F 3 26.96 19.44 7.85
C SER F 3 25.73 18.64 8.25
N PHE F 4 25.00 19.18 9.24
CA PHE F 4 23.73 18.59 9.62
C PHE F 4 22.82 18.44 8.42
O 2JN F 5 21.31 17.58 5.06
C 2JN F 5 22.18 18.29 5.55
CA 2JN F 5 21.84 19.54 6.36
CAA 2JN F 5 22.31 20.78 5.58
N 2JN F 5 22.70 19.56 7.58
CAO 2JN F 5 20.35 19.56 6.79
CAM 2JN F 5 19.36 19.89 5.67
CAK 2JN F 5 17.92 19.52 6.05
CAI 2JN F 5 17.03 19.99 4.91
N GLU F 6 23.55 18.02 5.31
CA GLU F 6 23.92 16.89 4.44
C GLU F 6 23.53 15.55 5.07
N TYR F 7 23.68 15.39 6.40
CA TYR F 7 23.26 14.13 7.02
C TYR F 7 21.75 13.93 6.94
N TRP F 8 20.99 14.98 7.22
CA TRP F 8 19.55 14.85 7.34
C TRP F 8 18.90 14.62 5.99
O 2JN F 9 17.77 13.22 2.50
C 2JN F 9 18.72 13.58 3.20
CA 2JN F 9 19.01 15.04 3.51
CAA 2JN F 9 20.09 15.53 2.56
N 2JN F 9 19.52 15.19 4.89
CAO 2JN F 9 17.70 15.74 3.35
CAM 2JN F 9 17.83 17.23 3.55
CAK 2JN F 9 16.46 17.73 3.91
CAI 2JN F 9 16.43 19.26 3.93
N LEU F 10 19.61 12.69 3.79
CA LEU F 10 19.55 11.26 3.46
C LEU F 10 18.31 10.60 4.03
N LEU F 11 17.62 11.24 4.99
N LEU F 11 17.65 11.23 5.01
CA LEU F 11 16.43 10.62 5.60
CA LEU F 11 16.45 10.63 5.58
C LEU F 11 15.19 10.56 4.71
C LEU F 11 15.31 10.55 4.59
N PRO F 12 14.80 11.71 4.10
CA PRO F 12 13.73 11.57 3.12
C PRO F 12 14.18 10.82 1.85
N GLU F 13 15.46 10.95 1.48
CA GLU F 13 16.00 10.26 0.30
C GLU F 13 16.03 8.72 0.44
N ASN F 14 16.56 8.25 1.57
N ASN F 14 16.57 8.22 1.54
CA ASN F 14 16.63 6.82 1.98
CA ASN F 14 16.57 6.77 1.75
C ASN F 14 15.25 6.22 2.26
C ASN F 14 15.15 6.24 2.06
N PHE F 15 14.31 7.08 2.68
CA PHE F 15 12.92 6.71 2.92
C PHE F 15 12.17 6.35 1.62
N NH2 F 16 12.27 7.19 0.61
C ACE G 1 -22.98 -15.29 -16.88
O ACE G 1 -22.67 -16.04 -15.94
CH3 ACE G 1 -24.27 -14.47 -16.81
N THR G 2 -22.25 -15.16 -17.99
CA THR G 2 -20.96 -15.81 -18.15
C THR G 2 -19.92 -15.15 -17.24
N SER G 3 -19.09 -15.97 -16.59
CA SER G 3 -18.04 -15.44 -15.71
C SER G 3 -16.94 -14.76 -16.51
N PHE G 4 -16.31 -13.79 -15.89
CA PHE G 4 -15.09 -13.22 -16.45
C PHE G 4 -14.08 -14.34 -16.78
O 2JN G 5 -12.33 -17.35 -18.13
C 2JN G 5 -13.20 -17.10 -17.28
CA 2JN G 5 -12.95 -16.42 -15.94
CAA 2JN G 5 -13.27 -17.36 -14.77
N 2JN G 5 -13.91 -15.32 -15.80
CAO 2JN G 5 -11.52 -15.89 -15.85
CAM 2JN G 5 -10.42 -16.96 -15.72
CAK 2JN G 5 -9.10 -16.42 -16.25
CAI 2JN G 5 -8.10 -17.54 -16.11
N GLU G 6 -14.54 -17.39 -17.59
CA GLU G 6 -14.87 -18.11 -18.84
C GLU G 6 -14.63 -17.26 -20.10
N TYR G 7 -14.93 -15.95 -20.05
CA TYR G 7 -14.63 -15.07 -21.18
C TYR G 7 -13.13 -15.03 -21.47
N TRP G 8 -12.33 -14.92 -20.40
CA TRP G 8 -10.88 -14.77 -20.59
C TRP G 8 -10.25 -16.07 -21.08
O 2JN G 9 -9.60 -19.44 -23.21
C 2JN G 9 -10.44 -18.78 -22.57
CA 2JN G 9 -10.42 -18.66 -21.06
CAA 2JN G 9 -11.41 -19.66 -20.49
N 2JN G 9 -10.85 -17.30 -20.61
CAO 2JN G 9 -8.99 -18.89 -20.59
CAM 2JN G 9 -8.95 -18.96 -19.08
CAK 2JN G 9 -7.82 -18.11 -18.57
CAI 2JN G 9 -7.58 -18.33 -17.10
N LEU G 10 -11.43 -17.89 -23.29
CA LEU G 10 -11.58 -17.92 -24.76
C LEU G 10 -10.55 -17.11 -25.54
N LEU G 11 -9.67 -16.39 -24.84
CA LEU G 11 -8.49 -15.75 -25.48
C LEU G 11 -7.37 -16.76 -25.81
N PRO G 12 -6.80 -17.43 -24.78
CA PRO G 12 -5.84 -18.48 -25.10
C PRO G 12 -6.54 -19.77 -25.54
C ACE H 1 29.19 -6.73 12.76
O ACE H 1 29.31 -7.10 11.59
CH3 ACE H 1 29.77 -5.39 13.23
N THR H 2 28.56 -7.44 13.69
CA THR H 2 27.94 -8.75 13.39
C THR H 2 26.63 -8.56 12.64
N SER H 3 26.31 -9.46 11.71
CA SER H 3 25.05 -9.30 10.97
C SER H 3 23.84 -9.64 11.81
N PHE H 4 22.70 -9.01 11.49
CA PHE H 4 21.45 -9.43 12.10
C PHE H 4 21.23 -10.93 11.91
O 2JN H 5 21.43 -14.65 11.88
C 2JN H 5 21.93 -13.71 11.28
CA 2JN H 5 21.19 -12.85 10.27
CAA 2JN H 5 21.77 -13.03 8.88
N 2JN H 5 21.43 -11.42 10.59
CAO 2JN H 5 19.66 -13.05 10.33
CAM 2JN H 5 19.10 -14.33 9.75
CAK 2JN H 5 17.61 -14.39 10.13
CAI 2JN H 5 17.01 -15.68 9.60
N GLU H 6 23.29 -13.36 11.56
CA GLU H 6 24.08 -14.18 12.50
C GLU H 6 23.53 -14.13 13.92
N TYR H 7 23.16 -12.93 14.40
CA TYR H 7 22.57 -12.81 15.73
C TYR H 7 21.32 -13.67 15.88
N TRP H 8 20.43 -13.58 14.90
CA TRP H 8 19.12 -14.24 15.03
C TRP H 8 19.20 -15.75 14.90
O 2JN H 9 20.34 -19.50 15.25
C 2JN H 9 20.70 -18.35 15.00
CA 2JN H 9 20.43 -17.66 13.69
CAA 2JN H 9 21.68 -17.76 12.83
N 2JN H 9 20.15 -16.23 13.91
CAO 2JN H 9 19.21 -18.36 13.09
CAM 2JN H 9 18.88 -17.91 11.66
CAK 2JN H 9 17.59 -17.13 11.63
CAI 2JN H 9 17.04 -16.90 10.23
N LEU H 10 21.41 -17.56 16.12
CA LEU H 10 21.76 -18.11 17.45
C LEU H 10 20.56 -18.38 18.38
N LEU H 11 19.45 -17.66 18.19
CA LEU H 11 18.26 -17.87 19.06
C LEU H 11 17.71 -19.33 19.13
N PRO H 12 17.31 -19.91 17.96
CA PRO H 12 16.99 -21.34 18.07
C PRO H 12 18.23 -22.22 18.31
#